data_9FN5
#
_entry.id   9FN5
#
_cell.length_a   125.737
_cell.length_b   125.737
_cell.length_c   39.087
_cell.angle_alpha   90.000
_cell.angle_beta   90.000
_cell.angle_gamma   120.000
#
_symmetry.space_group_name_H-M   'H 3'
#
loop_
_entity.id
_entity.type
_entity.pdbx_description
1 polymer 'Two-component response regulator'
2 non-polymer 'MAGNESIUM ION'
3 water water
#
_entity_poly.entity_id   1
_entity_poly.type   'polypeptide(L)'
_entity_poly.pdbx_seq_one_letter_code
;MHEKTILVVDDEPRAREGMKRLLEKWASGKHRIITAANGQEALDILRQERVHVLLTDIRMPEITGLDVLEEMREKDDSPA
VILISAYPDFDYAQKAISLGVLNYLLKPVKKSELFEAVEKAIHVSEQKERERV
;
_entity_poly.pdbx_strand_id   A,B
#
loop_
_chem_comp.id
_chem_comp.type
_chem_comp.name
_chem_comp.formula
MG non-polymer 'MAGNESIUM ION' 'Mg 2'
#
# COMPACT_ATOMS: atom_id res chain seq x y z
N LYS A 4 15.04 12.74 12.46
CA LYS A 4 13.98 11.77 12.70
C LYS A 4 14.51 10.41 13.18
N THR A 5 13.62 9.59 13.74
CA THR A 5 13.96 8.28 14.30
C THR A 5 13.51 7.18 13.35
N ILE A 6 14.48 6.42 12.82
CA ILE A 6 14.21 5.31 11.91
C ILE A 6 14.58 4.00 12.60
N LEU A 7 13.62 3.09 12.72
CA LEU A 7 13.80 1.81 13.41
C LEU A 7 13.92 0.69 12.39
N VAL A 8 15.07 0.02 12.37
CA VAL A 8 15.35 -1.10 11.49
C VAL A 8 15.17 -2.39 12.29
N VAL A 9 14.38 -3.30 11.76
CA VAL A 9 14.03 -4.54 12.44
C VAL A 9 14.31 -5.68 11.47
N ASP A 10 15.11 -6.64 11.93
CA ASP A 10 15.42 -7.86 11.19
C ASP A 10 15.99 -8.84 12.19
N ASP A 11 15.53 -10.10 12.10
CA ASP A 11 15.97 -11.14 13.04
C ASP A 11 17.35 -11.68 12.65
N GLU A 12 17.80 -11.41 11.44
CA GLU A 12 19.16 -11.81 11.09
C GLU A 12 20.12 -10.67 11.38
N PRO A 13 21.12 -10.88 12.25
CA PRO A 13 21.99 -9.75 12.64
C PRO A 13 22.73 -9.10 11.49
N ARG A 14 23.28 -9.88 10.57
CA ARG A 14 24.04 -9.30 9.46
C ARG A 14 23.19 -8.32 8.65
N ALA A 15 21.96 -8.72 8.33
CA ALA A 15 21.07 -7.83 7.58
C ALA A 15 20.74 -6.60 8.42
N ARG A 16 20.33 -6.82 9.67
CA ARG A 16 20.02 -5.75 10.59
C ARG A 16 21.15 -4.72 10.68
N GLU A 17 22.37 -5.19 10.92
CA GLU A 17 23.50 -4.27 11.03
C GLU A 17 23.87 -3.67 9.68
N GLY A 18 23.67 -4.43 8.60
CA GLY A 18 23.97 -3.89 7.29
C GLY A 18 23.11 -2.70 6.95
N MET A 19 21.79 -2.89 7.02
CA MET A 19 20.88 -1.79 6.74
C MET A 19 21.10 -0.64 7.72
N LYS A 20 21.42 -0.96 8.96
CA LYS A 20 21.74 0.10 9.93
C LYS A 20 22.91 0.93 9.44
N ARG A 21 23.99 0.25 9.09
CA ARG A 21 25.22 0.95 8.71
C ARG A 21 25.00 1.79 7.46
N LEU A 22 24.31 1.25 6.46
CA LEU A 22 24.01 2.04 5.27
C LEU A 22 23.18 3.27 5.65
N LEU A 23 22.08 3.06 6.37
CA LEU A 23 21.20 4.16 6.75
C LEU A 23 21.94 5.20 7.58
N GLU A 24 22.84 4.74 8.45
CA GLU A 24 23.63 5.68 9.24
C GLU A 24 24.51 6.54 8.34
N LYS A 25 25.07 5.95 7.29
CA LYS A 25 25.89 6.72 6.36
C LYS A 25 25.06 7.78 5.66
N TRP A 26 23.89 7.40 5.16
CA TRP A 26 23.00 8.35 4.47
C TRP A 26 22.43 9.37 5.44
N ALA A 27 22.30 9.01 6.72
CA ALA A 27 21.73 9.94 7.70
C ALA A 27 22.72 11.06 8.04
N SER A 28 24.01 10.74 8.14
CA SER A 28 25.05 11.72 8.44
C SER A 28 24.73 12.52 9.71
N GLY A 29 24.14 11.84 10.70
CA GLY A 29 23.72 12.48 11.92
C GLY A 29 22.38 13.19 11.85
N LYS A 30 21.85 13.44 10.65
CA LYS A 30 20.57 14.13 10.53
C LYS A 30 19.44 13.33 11.14
N HIS A 31 19.51 12.00 11.01
CA HIS A 31 18.46 11.14 11.49
C HIS A 31 19.04 10.09 12.42
N ARG A 32 18.18 9.54 13.27
CA ARG A 32 18.57 8.60 14.31
C ARG A 32 18.19 7.18 13.89
N ILE A 33 19.20 6.33 13.70
CA ILE A 33 18.99 4.94 13.31
C ILE A 33 19.09 4.05 14.55
N ILE A 34 18.01 3.36 14.87
CA ILE A 34 18.01 2.36 15.92
C ILE A 34 17.53 1.05 15.32
N THR A 35 17.87 -0.04 16.00
CA THR A 35 17.56 -1.37 15.49
C THR A 35 16.90 -2.23 16.57
N ALA A 36 16.23 -3.27 16.10
CA ALA A 36 15.57 -4.28 16.90
C ALA A 36 15.73 -5.59 16.15
N ALA A 37 15.74 -6.68 16.91
CA ALA A 37 16.04 -8.01 16.36
C ALA A 37 14.80 -8.86 16.15
N ASN A 38 13.64 -8.35 16.52
CA ASN A 38 12.38 -9.09 16.40
C ASN A 38 11.23 -8.17 16.78
N GLY A 39 10.02 -8.68 16.55
CA GLY A 39 8.83 -7.84 16.65
C GLY A 39 8.54 -7.39 18.06
N GLN A 40 8.83 -8.25 19.03
CA GLN A 40 8.66 -7.85 20.43
C GLN A 40 9.56 -6.66 20.76
N GLU A 41 10.85 -6.79 20.44
CA GLU A 41 11.76 -5.66 20.55
C GLU A 41 11.22 -4.42 19.86
N ALA A 42 10.70 -4.57 18.63
CA ALA A 42 10.15 -3.44 17.91
C ALA A 42 8.95 -2.85 18.64
N LEU A 43 7.99 -3.69 19.01
CA LEU A 43 6.80 -3.23 19.72
C LEU A 43 7.18 -2.42 20.95
N ASP A 44 8.14 -2.91 21.73
CA ASP A 44 8.55 -2.21 22.95
C ASP A 44 9.10 -0.82 22.64
N ILE A 45 9.99 -0.74 21.65
CA ILE A 45 10.52 0.55 21.21
C ILE A 45 9.38 1.44 20.72
N LEU A 46 8.50 0.88 19.87
CA LEU A 46 7.42 1.64 19.27
C LEU A 46 6.46 2.20 20.31
N ARG A 47 6.34 1.55 21.47
CA ARG A 47 5.44 2.06 22.49
C ARG A 47 6.14 3.10 23.37
N GLN A 48 7.47 3.07 23.45
CA GLN A 48 8.16 3.93 24.42
C GLN A 48 8.74 5.19 23.78
N GLU A 49 8.85 5.24 22.45
CA GLU A 49 9.31 6.46 21.80
C GLU A 49 8.67 6.60 20.42
N ARG A 50 8.62 7.85 19.96
CA ARG A 50 8.12 8.17 18.63
C ARG A 50 9.11 7.64 17.59
N VAL A 51 8.61 6.83 16.68
CA VAL A 51 9.38 6.29 15.58
C VAL A 51 8.68 6.77 14.32
N HIS A 52 9.40 7.55 13.51
CA HIS A 52 8.77 8.13 12.34
C HIS A 52 8.71 7.11 11.20
N VAL A 53 9.73 6.26 11.10
CA VAL A 53 9.89 5.35 9.98
C VAL A 53 10.19 3.96 10.54
N LEU A 54 9.42 2.98 10.12
CA LEU A 54 9.59 1.60 10.54
C LEU A 54 9.97 0.78 9.31
N LEU A 55 11.14 0.15 9.39
CA LEU A 55 11.71 -0.68 8.34
C LEU A 55 11.93 -2.06 8.94
N THR A 56 11.05 -3.00 8.66
CA THR A 56 11.11 -4.27 9.35
C THR A 56 11.03 -5.39 8.34
N ASP A 57 11.79 -6.44 8.62
CA ASP A 57 11.64 -7.73 7.99
C ASP A 57 10.24 -8.25 8.27
N ILE A 58 9.71 -9.09 7.38
CA ILE A 58 8.41 -9.69 7.67
C ILE A 58 8.58 -11.01 8.41
N ARG A 59 9.26 -11.97 7.79
CA ARG A 59 9.42 -13.30 8.38
C ARG A 59 10.41 -13.20 9.53
N MET A 60 9.86 -13.13 10.73
CA MET A 60 10.61 -13.12 11.98
C MET A 60 9.92 -14.05 12.96
N PRO A 61 10.67 -14.70 13.85
CA PRO A 61 10.04 -15.70 14.73
C PRO A 61 8.99 -15.09 15.65
N GLU A 62 7.81 -15.72 15.67
CA GLU A 62 6.65 -15.45 16.55
C GLU A 62 5.82 -14.24 16.16
N ILE A 63 6.48 -13.12 15.89
CA ILE A 63 5.81 -11.88 15.54
C ILE A 63 6.41 -11.39 14.24
N THR A 64 5.63 -11.44 13.17
CA THR A 64 6.06 -10.95 11.87
C THR A 64 6.07 -9.43 11.84
N GLY A 65 6.63 -8.88 10.75
CA GLY A 65 6.53 -7.44 10.53
C GLY A 65 5.09 -6.99 10.38
N LEU A 66 4.28 -7.82 9.72
CA LEU A 66 2.89 -7.47 9.55
C LEU A 66 2.15 -7.48 10.88
N ASP A 67 2.53 -8.40 11.76
CA ASP A 67 2.00 -8.46 13.13
C ASP A 67 2.38 -7.22 13.94
N VAL A 68 3.58 -6.67 13.68
CA VAL A 68 3.99 -5.46 14.36
C VAL A 68 3.08 -4.31 13.93
N LEU A 69 2.76 -4.26 12.63
CA LEU A 69 1.92 -3.20 12.07
C LEU A 69 0.51 -3.22 12.62
N GLU A 70 -0.03 -4.41 12.85
CA GLU A 70 -1.38 -4.53 13.41
C GLU A 70 -1.48 -3.86 14.77
N GLU A 71 -0.40 -3.91 15.56
CA GLU A 71 -0.37 -3.18 16.82
C GLU A 71 -0.15 -1.68 16.60
N MET A 72 0.55 -1.30 15.53
CA MET A 72 0.90 0.11 15.34
C MET A 72 -0.29 0.94 14.83
N ARG A 73 -1.16 0.35 14.01
CA ARG A 73 -2.33 1.09 13.54
C ARG A 73 -3.34 1.32 14.67
N GLU A 74 -3.28 0.48 15.71
CA GLU A 74 -4.05 0.75 16.92
C GLU A 74 -3.50 1.98 17.65
N LYS A 75 -2.17 2.06 17.76
CA LYS A 75 -1.52 3.20 18.41
C LYS A 75 -1.92 4.51 17.72
N ASP A 76 -2.06 5.57 18.52
CA ASP A 76 -2.76 6.77 18.05
C ASP A 76 -2.03 7.46 16.90
N ASP A 77 -0.71 7.54 16.94
CA ASP A 77 0.06 7.97 15.77
C ASP A 77 1.02 6.85 15.38
N SER A 78 1.07 6.59 14.10
CA SER A 78 1.67 5.53 13.34
C SER A 78 3.00 5.97 12.72
N PRO A 79 4.00 5.10 12.77
CA PRO A 79 5.15 5.27 11.87
C PRO A 79 4.75 5.02 10.43
N ALA A 80 5.45 5.68 9.54
CA ALA A 80 5.46 5.30 8.14
C ALA A 80 6.24 4.01 8.02
N VAL A 81 5.76 3.07 7.23
CA VAL A 81 6.23 1.69 7.31
C VAL A 81 6.78 1.26 5.96
N ILE A 82 8.03 0.80 5.96
CA ILE A 82 8.64 0.10 4.83
C ILE A 82 8.83 -1.35 5.23
N LEU A 83 8.34 -2.26 4.41
CA LEU A 83 8.54 -3.67 4.64
C LEU A 83 9.69 -4.14 3.76
N ILE A 84 10.50 -5.06 4.30
CA ILE A 84 11.52 -5.74 3.51
C ILE A 84 11.34 -7.23 3.72
N SER A 85 11.71 -8.00 2.72
CA SER A 85 11.60 -9.44 2.77
C SER A 85 12.46 -10.00 1.66
N ALA A 86 12.98 -11.21 1.89
CA ALA A 86 13.70 -11.94 0.84
C ALA A 86 12.77 -12.68 -0.09
N TYR A 87 11.52 -12.88 0.30
CA TYR A 87 10.67 -13.68 -0.56
C TYR A 87 9.60 -12.84 -1.24
N PRO A 88 9.28 -13.14 -2.46
CA PRO A 88 8.21 -12.37 -3.16
C PRO A 88 6.79 -12.90 -2.90
N ASP A 89 6.26 -12.63 -1.70
CA ASP A 89 5.04 -13.29 -1.22
C ASP A 89 3.81 -12.39 -1.41
N PHE A 90 2.88 -12.86 -2.24
CA PHE A 90 1.71 -12.03 -2.55
C PHE A 90 0.88 -11.79 -1.29
N ASP A 91 0.73 -12.82 -0.44
CA ASP A 91 -0.10 -12.70 0.76
C ASP A 91 0.45 -11.64 1.70
N TYR A 92 1.78 -11.63 1.91
CA TYR A 92 2.41 -10.54 2.66
C TYR A 92 2.12 -9.19 2.02
N ALA A 93 2.28 -9.12 0.68
CA ALA A 93 2.08 -7.84 0.01
C ALA A 93 0.64 -7.38 0.15
N GLN A 94 -0.32 -8.29 -0.06
CA GLN A 94 -1.72 -7.90 0.01
C GLN A 94 -2.09 -7.42 1.42
N LYS A 95 -1.59 -8.10 2.45
CA LYS A 95 -1.79 -7.64 3.83
C LYS A 95 -1.16 -6.27 4.03
N ALA A 96 0.09 -6.10 3.57
CA ALA A 96 0.78 -4.83 3.70
C ALA A 96 -0.04 -3.69 3.10
N ILE A 97 -0.51 -3.87 1.86
CA ILE A 97 -1.42 -2.92 1.23
C ILE A 97 -2.57 -2.57 2.19
N SER A 98 -3.32 -3.58 2.63
CA SER A 98 -4.40 -3.34 3.58
C SER A 98 -3.92 -2.61 4.83
N LEU A 99 -2.64 -2.73 5.18
CA LEU A 99 -2.13 -2.13 6.41
C LEU A 99 -1.45 -0.79 6.19
N GLY A 100 -1.44 -0.26 4.96
CA GLY A 100 -0.91 1.06 4.68
C GLY A 100 0.57 1.13 4.42
N VAL A 101 1.20 0.05 3.99
CA VAL A 101 2.65 0.02 3.87
C VAL A 101 3.04 0.91 2.71
N LEU A 102 4.18 1.59 2.84
CA LEU A 102 4.61 2.57 1.84
C LEU A 102 5.41 1.91 0.73
N ASN A 103 6.21 0.91 1.08
CA ASN A 103 7.03 0.20 0.12
C ASN A 103 7.31 -1.19 0.65
N TYR A 104 7.53 -2.12 -0.27
CA TYR A 104 7.85 -3.51 0.02
C TYR A 104 9.05 -3.82 -0.87
N LEU A 105 10.23 -3.87 -0.27
CA LEU A 105 11.48 -4.05 -0.97
C LEU A 105 11.96 -5.49 -0.77
N LEU A 106 12.57 -6.06 -1.81
CA LEU A 106 13.07 -7.43 -1.77
C LEU A 106 14.55 -7.44 -1.40
N LYS A 107 14.92 -8.34 -0.50
CA LYS A 107 16.33 -8.60 -0.28
C LYS A 107 16.92 -9.35 -1.48
N PRO A 108 18.20 -9.09 -1.84
CA PRO A 108 19.15 -8.13 -1.26
C PRO A 108 18.76 -6.68 -1.57
N VAL A 109 18.66 -5.89 -0.51
CA VAL A 109 18.14 -4.53 -0.59
C VAL A 109 19.04 -3.68 -1.48
N LYS A 110 18.42 -2.91 -2.38
CA LYS A 110 19.12 -2.01 -3.28
C LYS A 110 19.10 -0.61 -2.69
N LYS A 111 20.29 0.00 -2.64
CA LYS A 111 20.43 1.36 -2.14
C LYS A 111 19.40 2.29 -2.76
N SER A 112 19.32 2.30 -4.09
CA SER A 112 18.35 3.11 -4.82
C SER A 112 16.94 2.99 -4.23
N GLU A 113 16.43 1.76 -4.15
CA GLU A 113 15.08 1.53 -3.67
C GLU A 113 14.96 1.90 -2.20
N LEU A 114 15.97 1.52 -1.40
CA LEU A 114 15.93 1.76 0.03
C LEU A 114 15.78 3.24 0.36
N PHE A 115 16.63 4.09 -0.22
CA PHE A 115 16.63 5.51 0.12
C PHE A 115 15.48 6.26 -0.54
N GLU A 116 14.93 5.73 -1.63
CA GLU A 116 13.71 6.31 -2.17
C GLU A 116 12.53 6.01 -1.25
N ALA A 117 12.44 4.78 -0.78
CA ALA A 117 11.41 4.44 0.20
C ALA A 117 11.59 5.22 1.50
N VAL A 118 12.84 5.43 1.94
CA VAL A 118 13.02 6.13 3.21
C VAL A 118 12.57 7.57 3.09
N GLU A 119 12.95 8.23 1.99
CA GLU A 119 12.53 9.62 1.79
C GLU A 119 11.03 9.71 1.60
N LYS A 120 10.43 8.72 0.93
CA LYS A 120 8.98 8.67 0.87
C LYS A 120 8.39 8.61 2.27
N ALA A 121 8.95 7.75 3.12
CA ALA A 121 8.47 7.63 4.50
C ALA A 121 8.70 8.93 5.26
N ILE A 122 9.89 9.52 5.11
CA ILE A 122 10.21 10.77 5.82
C ILE A 122 9.16 11.81 5.50
N HIS A 123 8.76 11.90 4.25
CA HIS A 123 7.76 12.91 3.94
C HIS A 123 6.34 12.52 4.31
N VAL A 124 6.03 11.22 4.31
CA VAL A 124 4.71 10.83 4.82
C VAL A 124 4.57 11.22 6.29
N SER A 125 5.65 11.05 7.07
CA SER A 125 5.63 11.44 8.48
C SER A 125 5.60 12.95 8.66
N GLU A 126 6.42 13.69 7.88
CA GLU A 126 6.35 15.15 7.92
C GLU A 126 4.99 15.65 7.44
N GLN A 127 4.38 14.93 6.49
CA GLN A 127 3.03 15.26 6.07
C GLN A 127 2.07 15.20 7.25
N LYS A 128 2.11 14.10 8.01
CA LYS A 128 1.27 13.96 9.19
C LYS A 128 1.87 14.59 10.44
N GLU A 129 3.05 15.20 10.33
CA GLU A 129 3.67 15.99 11.41
C GLU A 129 3.85 15.20 12.69
N LYS B 4 -20.39 10.26 -3.47
CA LYS B 4 -19.20 10.47 -4.29
C LYS B 4 -19.21 9.64 -5.59
N THR B 5 -18.17 9.79 -6.41
CA THR B 5 -18.08 9.10 -7.69
C THR B 5 -17.08 7.94 -7.57
N ILE B 6 -17.55 6.73 -7.85
CA ILE B 6 -16.71 5.53 -7.84
C ILE B 6 -16.69 4.96 -9.24
N LEU B 7 -15.49 4.70 -9.76
CA LEU B 7 -15.27 4.26 -11.13
C LEU B 7 -14.79 2.81 -11.13
N VAL B 8 -15.58 1.92 -11.74
CA VAL B 8 -15.27 0.49 -11.86
C VAL B 8 -14.72 0.25 -13.26
N VAL B 9 -13.54 -0.36 -13.35
CA VAL B 9 -12.88 -0.64 -14.63
C VAL B 9 -12.54 -2.12 -14.68
N ASP B 10 -13.01 -2.79 -15.72
CA ASP B 10 -12.73 -4.20 -15.92
C ASP B 10 -13.06 -4.53 -17.37
N ASP B 11 -12.15 -5.23 -18.03
CA ASP B 11 -12.43 -5.58 -19.41
C ASP B 11 -13.44 -6.72 -19.50
N GLU B 12 -13.68 -7.42 -18.39
CA GLU B 12 -14.68 -8.49 -18.32
C GLU B 12 -16.05 -7.92 -17.98
N PRO B 13 -17.03 -7.95 -18.90
CA PRO B 13 -18.29 -7.22 -18.64
C PRO B 13 -19.08 -7.77 -17.48
N ARG B 14 -19.15 -9.10 -17.36
CA ARG B 14 -19.88 -9.71 -16.26
C ARG B 14 -19.40 -9.19 -14.92
N ALA B 15 -18.11 -9.37 -14.64
CA ALA B 15 -17.54 -8.89 -13.38
C ALA B 15 -17.73 -7.38 -13.23
N ARG B 16 -17.54 -6.64 -14.31
CA ARG B 16 -17.68 -5.19 -14.27
C ARG B 16 -19.10 -4.79 -13.87
N GLU B 17 -20.09 -5.21 -14.66
CA GLU B 17 -21.46 -4.77 -14.39
C GLU B 17 -21.99 -5.38 -13.09
N GLY B 18 -21.45 -6.53 -12.68
CA GLY B 18 -21.90 -7.12 -11.44
C GLY B 18 -21.49 -6.28 -10.23
N MET B 19 -20.24 -5.84 -10.22
CA MET B 19 -19.78 -4.98 -9.14
C MET B 19 -20.52 -3.65 -9.14
N LYS B 20 -20.90 -3.16 -10.31
CA LYS B 20 -21.68 -1.92 -10.38
C LYS B 20 -22.99 -2.08 -9.64
N ARG B 21 -23.76 -3.14 -9.97
CA ARG B 21 -25.01 -3.41 -9.27
C ARG B 21 -24.78 -3.61 -7.77
N LEU B 22 -23.74 -4.35 -7.41
CA LEU B 22 -23.40 -4.54 -5.99
C LEU B 22 -23.14 -3.21 -5.31
N LEU B 23 -22.36 -2.33 -5.95
CA LEU B 23 -22.08 -1.02 -5.37
C LEU B 23 -23.29 -0.10 -5.44
N GLU B 24 -24.07 -0.19 -6.53
CA GLU B 24 -25.25 0.67 -6.66
C GLU B 24 -26.26 0.40 -5.57
N LYS B 25 -26.49 -0.88 -5.25
CA LYS B 25 -27.43 -1.17 -4.17
C LYS B 25 -26.79 -0.92 -2.80
N TRP B 26 -25.47 -1.15 -2.68
CA TRP B 26 -24.78 -0.78 -1.44
C TRP B 26 -24.86 0.71 -1.20
N ALA B 27 -24.70 1.51 -2.26
CA ALA B 27 -24.80 2.96 -2.10
C ALA B 27 -26.25 3.42 -1.94
N SER B 28 -27.21 2.63 -2.47
CA SER B 28 -28.64 2.94 -2.46
C SER B 28 -28.89 4.42 -2.79
N GLY B 29 -28.30 4.87 -3.90
CA GLY B 29 -28.51 6.19 -4.43
C GLY B 29 -27.57 7.27 -3.93
N LYS B 30 -26.82 7.00 -2.85
CA LYS B 30 -25.97 8.03 -2.25
C LYS B 30 -24.73 8.32 -3.10
N HIS B 31 -24.17 7.30 -3.75
CA HIS B 31 -22.96 7.47 -4.56
C HIS B 31 -23.22 7.14 -6.02
N ARG B 32 -22.60 7.93 -6.90
CA ARG B 32 -22.62 7.68 -8.33
C ARG B 32 -21.53 6.68 -8.71
N ILE B 33 -21.93 5.62 -9.40
CA ILE B 33 -21.06 4.52 -9.79
C ILE B 33 -20.90 4.56 -11.30
N ILE B 34 -19.66 4.61 -11.77
CA ILE B 34 -19.35 4.71 -13.20
C ILE B 34 -18.59 3.46 -13.62
N THR B 35 -18.69 3.12 -14.90
CA THR B 35 -18.15 1.88 -15.43
C THR B 35 -17.27 2.20 -16.63
N ALA B 36 -16.10 1.58 -16.72
CA ALA B 36 -15.23 1.68 -17.89
C ALA B 36 -14.81 0.28 -18.29
N ALA B 37 -14.78 0.01 -19.59
CA ALA B 37 -14.48 -1.34 -20.07
C ALA B 37 -13.00 -1.58 -20.29
N ASN B 38 -12.16 -0.55 -20.25
CA ASN B 38 -10.74 -0.71 -20.49
C ASN B 38 -9.99 0.47 -19.86
N GLY B 39 -8.67 0.43 -20.00
CA GLY B 39 -7.82 1.44 -19.38
C GLY B 39 -7.92 2.79 -20.07
N GLN B 40 -8.03 2.77 -21.39
CA GLN B 40 -8.11 4.02 -22.13
C GLN B 40 -9.36 4.80 -21.73
N GLU B 41 -10.51 4.14 -21.73
CA GLU B 41 -11.74 4.78 -21.27
C GLU B 41 -11.60 5.29 -19.84
N ALA B 42 -10.98 4.48 -18.97
CA ALA B 42 -10.78 4.89 -17.58
C ALA B 42 -10.02 6.21 -17.47
N LEU B 43 -8.92 6.36 -18.23
CA LEU B 43 -8.15 7.60 -18.19
C LEU B 43 -8.98 8.79 -18.68
N ASP B 44 -9.89 8.54 -19.61
CA ASP B 44 -10.71 9.62 -20.15
C ASP B 44 -11.77 10.07 -19.15
N ILE B 45 -12.39 9.11 -18.45
CA ILE B 45 -13.27 9.46 -17.33
C ILE B 45 -12.47 10.12 -16.21
N LEU B 46 -11.26 9.62 -15.93
CA LEU B 46 -10.44 10.21 -14.89
C LEU B 46 -10.01 11.64 -15.25
N ARG B 47 -9.88 11.95 -16.55
CA ARG B 47 -9.55 13.32 -16.93
C ARG B 47 -10.81 14.20 -17.03
N GLN B 48 -11.92 13.63 -17.52
CA GLN B 48 -13.13 14.43 -17.71
C GLN B 48 -13.89 14.68 -16.41
N GLU B 49 -13.90 13.70 -15.50
CA GLU B 49 -14.68 13.79 -14.27
C GLU B 49 -13.78 13.60 -13.06
N ARG B 50 -14.22 14.13 -11.91
CA ARG B 50 -13.50 13.92 -10.67
C ARG B 50 -13.97 12.61 -10.04
N VAL B 51 -13.09 11.62 -10.02
CA VAL B 51 -13.36 10.30 -9.48
C VAL B 51 -12.76 10.25 -8.10
N HIS B 52 -13.57 9.87 -7.12
CA HIS B 52 -13.06 9.81 -5.76
C HIS B 52 -12.42 8.46 -5.46
N VAL B 53 -13.04 7.38 -5.94
CA VAL B 53 -12.57 6.01 -5.71
C VAL B 53 -12.46 5.32 -7.07
N LEU B 54 -11.31 4.76 -7.35
CA LEU B 54 -11.05 4.01 -8.57
C LEU B 54 -10.91 2.54 -8.21
N LEU B 55 -11.74 1.70 -8.83
CA LEU B 55 -11.70 0.26 -8.65
C LEU B 55 -11.42 -0.32 -10.02
N THR B 56 -10.23 -0.84 -10.23
CA THR B 56 -9.93 -1.36 -11.54
C THR B 56 -9.26 -2.72 -11.45
N ASP B 57 -9.60 -3.54 -12.44
CA ASP B 57 -8.87 -4.76 -12.75
C ASP B 57 -7.40 -4.40 -13.05
N ILE B 58 -6.53 -5.41 -13.06
CA ILE B 58 -5.14 -5.15 -13.43
C ILE B 58 -4.87 -5.59 -14.87
N ARG B 59 -5.14 -6.85 -15.19
CA ARG B 59 -4.85 -7.41 -16.50
C ARG B 59 -5.98 -7.03 -17.47
N MET B 60 -5.74 -5.97 -18.24
CA MET B 60 -6.58 -5.52 -19.35
C MET B 60 -5.68 -5.26 -20.53
N PRO B 61 -6.18 -5.48 -21.76
CA PRO B 61 -5.32 -5.35 -22.95
C PRO B 61 -4.74 -3.95 -23.13
N GLU B 62 -3.44 -3.92 -23.47
CA GLU B 62 -2.70 -2.70 -23.80
C GLU B 62 -2.50 -1.77 -22.60
N ILE B 63 -3.57 -1.26 -22.00
CA ILE B 63 -3.46 -0.44 -20.81
C ILE B 63 -3.95 -1.22 -19.60
N THR B 64 -3.03 -1.55 -18.69
CA THR B 64 -3.40 -2.23 -17.47
C THR B 64 -3.88 -1.24 -16.40
N GLY B 65 -4.48 -1.81 -15.35
CA GLY B 65 -4.85 -1.00 -14.21
C GLY B 65 -3.66 -0.31 -13.57
N LEU B 66 -2.51 -0.99 -13.56
CA LEU B 66 -1.32 -0.37 -12.98
C LEU B 66 -0.82 0.78 -13.86
N ASP B 67 -0.94 0.63 -15.19
CA ASP B 67 -0.59 1.73 -16.10
C ASP B 67 -1.51 2.92 -15.88
N VAL B 68 -2.80 2.65 -15.65
CA VAL B 68 -3.72 3.72 -15.33
C VAL B 68 -3.26 4.41 -14.06
N LEU B 69 -2.91 3.63 -13.05
CA LEU B 69 -2.58 4.21 -11.75
C LEU B 69 -1.27 5.00 -11.81
N GLU B 70 -0.32 4.57 -12.65
CA GLU B 70 0.92 5.31 -12.79
C GLU B 70 0.68 6.70 -13.37
N GLU B 71 -0.19 6.81 -14.37
CA GLU B 71 -0.52 8.13 -14.92
C GLU B 71 -1.31 8.96 -13.93
N MET B 72 -2.07 8.31 -13.03
CA MET B 72 -2.82 9.10 -12.06
C MET B 72 -1.94 9.62 -10.94
N ARG B 73 -0.94 8.84 -10.54
CA ARG B 73 -0.16 9.23 -9.36
C ARG B 73 0.74 10.42 -9.63
N GLU B 74 1.18 10.61 -10.87
CA GLU B 74 2.00 11.77 -11.17
C GLU B 74 1.23 13.07 -10.94
N LYS B 75 -0.04 13.09 -11.37
CA LYS B 75 -0.98 14.14 -10.95
C LYS B 75 -1.37 13.90 -9.50
N ASP B 76 -1.28 14.91 -8.65
CA ASP B 76 -1.40 14.62 -7.23
C ASP B 76 -2.85 14.66 -6.76
N ASP B 77 -3.75 15.26 -7.53
CA ASP B 77 -5.16 14.99 -7.31
C ASP B 77 -5.49 13.66 -7.98
N SER B 78 -5.72 12.63 -7.19
CA SER B 78 -5.87 11.28 -7.72
C SER B 78 -6.86 10.51 -6.87
N PRO B 79 -7.57 9.56 -7.45
CA PRO B 79 -8.54 8.78 -6.68
C PRO B 79 -7.84 7.82 -5.73
N ALA B 80 -8.55 7.47 -4.67
CA ALA B 80 -8.19 6.28 -3.90
C ALA B 80 -8.43 5.06 -4.77
N VAL B 81 -7.45 4.17 -4.81
CA VAL B 81 -7.45 3.06 -5.76
C VAL B 81 -7.61 1.76 -5.00
N ILE B 82 -8.56 0.95 -5.44
CA ILE B 82 -8.65 -0.45 -5.05
C ILE B 82 -8.41 -1.26 -6.31
N LEU B 83 -7.41 -2.14 -6.27
CA LEU B 83 -7.16 -3.05 -7.37
C LEU B 83 -8.00 -4.31 -7.18
N ILE B 84 -8.50 -4.85 -8.28
CA ILE B 84 -9.11 -6.16 -8.27
C ILE B 84 -8.41 -7.00 -9.34
N SER B 85 -8.10 -8.23 -9.00
CA SER B 85 -7.47 -9.11 -9.97
C SER B 85 -7.70 -10.53 -9.52
N ALA B 86 -7.77 -11.42 -10.49
CA ALA B 86 -7.72 -12.83 -10.19
C ALA B 86 -6.30 -13.34 -9.98
N TYR B 87 -5.29 -12.54 -10.35
CA TYR B 87 -3.91 -13.02 -10.30
C TYR B 87 -3.29 -12.66 -8.96
N PRO B 88 -2.80 -13.63 -8.17
CA PRO B 88 -2.06 -13.36 -6.93
C PRO B 88 -0.59 -13.09 -7.21
N ASP B 89 -0.32 -11.92 -7.81
CA ASP B 89 0.99 -11.60 -8.35
C ASP B 89 1.72 -10.64 -7.41
N PHE B 90 2.83 -11.09 -6.82
CA PHE B 90 3.60 -10.22 -5.96
C PHE B 90 4.03 -8.94 -6.69
N ASP B 91 4.49 -9.06 -7.94
CA ASP B 91 4.94 -7.89 -8.68
C ASP B 91 3.85 -6.83 -8.76
N TYR B 92 2.61 -7.24 -9.13
CA TYR B 92 1.52 -6.27 -9.18
C TYR B 92 1.32 -5.61 -7.82
N ALA B 93 1.17 -6.44 -6.77
CA ALA B 93 1.00 -5.91 -5.42
C ALA B 93 2.14 -4.98 -5.03
N GLN B 94 3.37 -5.32 -5.43
CA GLN B 94 4.52 -4.50 -5.07
C GLN B 94 4.43 -3.13 -5.70
N LYS B 95 4.17 -3.08 -7.00
CA LYS B 95 3.92 -1.83 -7.70
C LYS B 95 2.72 -1.11 -7.10
N ALA B 96 1.67 -1.87 -6.76
CA ALA B 96 0.46 -1.26 -6.19
C ALA B 96 0.79 -0.53 -4.90
N ILE B 97 1.61 -1.16 -4.04
CA ILE B 97 2.06 -0.52 -2.81
C ILE B 97 2.79 0.78 -3.14
N SER B 98 3.74 0.71 -4.07
CA SER B 98 4.57 1.86 -4.38
C SER B 98 3.74 3.04 -4.85
N LEU B 99 2.59 2.75 -5.46
CA LEU B 99 1.67 3.73 -5.99
C LEU B 99 0.50 4.04 -5.05
N GLY B 100 0.53 3.51 -3.82
CA GLY B 100 -0.41 3.93 -2.79
C GLY B 100 -1.81 3.38 -2.95
N VAL B 101 -1.92 2.14 -3.42
CA VAL B 101 -3.22 1.49 -3.52
C VAL B 101 -3.71 1.13 -2.12
N LEU B 102 -5.02 1.23 -1.89
CA LEU B 102 -5.59 0.98 -0.57
C LEU B 102 -5.86 -0.50 -0.33
N ASN B 103 -6.19 -1.25 -1.38
CA ASN B 103 -6.54 -2.65 -1.21
C ASN B 103 -6.29 -3.39 -2.52
N TYR B 104 -5.98 -4.67 -2.40
CA TYR B 104 -5.84 -5.58 -3.54
C TYR B 104 -6.81 -6.73 -3.30
N LEU B 105 -7.95 -6.69 -3.97
CA LEU B 105 -8.98 -7.72 -3.83
C LEU B 105 -8.75 -8.82 -4.85
N LEU B 106 -8.85 -10.06 -4.41
CA LEU B 106 -8.69 -11.19 -5.30
C LEU B 106 -10.05 -11.62 -5.81
N LYS B 107 -10.15 -11.81 -7.12
CA LYS B 107 -11.34 -12.41 -7.70
C LYS B 107 -11.39 -13.90 -7.33
N PRO B 108 -12.60 -14.48 -7.24
CA PRO B 108 -13.92 -13.85 -7.41
C PRO B 108 -14.14 -12.78 -6.35
N VAL B 109 -14.89 -11.73 -6.70
CA VAL B 109 -15.04 -10.62 -5.78
C VAL B 109 -15.88 -11.05 -4.59
N LYS B 110 -15.43 -10.66 -3.40
CA LYS B 110 -16.13 -10.91 -2.15
C LYS B 110 -16.61 -9.56 -1.67
N LYS B 111 -17.91 -9.41 -1.52
CA LYS B 111 -18.44 -8.08 -1.34
C LYS B 111 -18.26 -7.60 0.10
N SER B 112 -18.10 -8.55 1.04
CA SER B 112 -17.60 -8.17 2.36
C SER B 112 -16.33 -7.34 2.23
N GLU B 113 -15.35 -7.86 1.50
CA GLU B 113 -14.10 -7.12 1.29
C GLU B 113 -14.33 -5.91 0.40
N LEU B 114 -15.13 -6.08 -0.66
CA LEU B 114 -15.42 -5.00 -1.58
C LEU B 114 -15.99 -3.80 -0.85
N PHE B 115 -16.98 -4.04 0.02
CA PHE B 115 -17.65 -2.95 0.72
C PHE B 115 -16.74 -2.32 1.77
N GLU B 116 -15.99 -3.14 2.51
CA GLU B 116 -15.04 -2.61 3.49
C GLU B 116 -13.98 -1.74 2.81
N ALA B 117 -13.45 -2.20 1.67
CA ALA B 117 -12.45 -1.42 0.95
C ALA B 117 -13.03 -0.12 0.41
N VAL B 118 -14.24 -0.17 -0.17
CA VAL B 118 -14.83 1.04 -0.77
C VAL B 118 -15.14 2.08 0.30
N GLU B 119 -15.54 1.63 1.50
CA GLU B 119 -15.80 2.59 2.58
C GLU B 119 -14.49 3.22 3.07
N LYS B 120 -13.44 2.42 3.18
CA LYS B 120 -12.12 2.96 3.52
C LYS B 120 -11.63 3.91 2.43
N ALA B 121 -11.93 3.60 1.18
CA ALA B 121 -11.56 4.51 0.09
C ALA B 121 -12.36 5.80 0.16
N ILE B 122 -13.65 5.70 0.46
CA ILE B 122 -14.46 6.89 0.64
C ILE B 122 -13.89 7.74 1.77
N HIS B 123 -13.50 7.08 2.88
CA HIS B 123 -12.96 7.83 4.00
C HIS B 123 -11.63 8.49 3.64
N VAL B 124 -10.74 7.76 2.95
CA VAL B 124 -9.45 8.32 2.56
C VAL B 124 -9.66 9.51 1.64
N SER B 125 -10.66 9.45 0.77
CA SER B 125 -10.94 10.56 -0.11
C SER B 125 -11.31 11.81 0.70
N GLU B 126 -12.19 11.66 1.70
CA GLU B 126 -12.59 12.77 2.57
C GLU B 126 -11.43 13.38 3.33
MG MG C . 13.69 -12.88 8.70
MG MG D . -9.09 -8.50 -17.07
#